data_4WQ3
#
_entry.id   4WQ3
#
_cell.length_a   49.560
_cell.length_b   79.310
_cell.length_c   57.020
_cell.angle_alpha   90.000
_cell.angle_beta   91.470
_cell.angle_gamma   90.000
#
_symmetry.space_group_name_H-M   'P 1 21 1'
#
loop_
_entity.id
_entity.type
_entity.pdbx_description
1 polymer 'Calpain small subunit 1'
2 non-polymer 'CALCIUM ION'
3 non-polymer '(2Z)-3-(6-bromo-1H-indol-3-yl)-2-sulfanylprop-2-enoic acid'
4 water water
#
_entity_poly.entity_id   1
_entity_poly.type   'polypeptide(L)'
_entity_poly.pdbx_seq_one_letter_code
;EEVRQFRRLFAQLAGDDMEVSATELMNILNKVVTRHPDLKTDGFGIDTCRSMVAVMDSDTTGKLGFEEFKYLWNNIKRWQ
AIYKQFDTDRSGTICSSELPGAFEAAGFHLNEHLYNMIIRRYSDESGNMDFDNFISCLVRLDAMFRAFKSLDKDGTGQIQ
VNIQEWLQLTMYS
;
_entity_poly.pdbx_strand_id   A,B
#
loop_
_chem_comp.id
_chem_comp.type
_chem_comp.name
_chem_comp.formula
3SU non-polymer '(2Z)-3-(6-bromo-1H-indol-3-yl)-2-sulfanylprop-2-enoic acid' 'C11 H8 Br N O2 S'
CA non-polymer 'CALCIUM ION' 'Ca 2'
#
# COMPACT_ATOMS: atom_id res chain seq x y z
N GLU A 1 19.77 -17.60 -24.56
CA GLU A 1 19.36 -18.99 -24.18
C GLU A 1 18.48 -19.02 -22.90
N GLU A 2 19.08 -18.63 -21.78
CA GLU A 2 18.32 -18.12 -20.64
C GLU A 2 17.45 -16.92 -21.10
N VAL A 3 18.01 -16.10 -21.98
CA VAL A 3 17.31 -14.94 -22.60
C VAL A 3 16.08 -15.36 -23.40
N ARG A 4 16.24 -16.40 -24.23
CA ARG A 4 15.14 -16.96 -24.99
C ARG A 4 14.08 -17.57 -24.07
N GLN A 5 14.51 -18.25 -23.00
CA GLN A 5 13.55 -18.90 -22.07
C GLN A 5 12.74 -17.81 -21.40
N PHE A 6 13.45 -16.80 -20.93
CA PHE A 6 12.79 -15.72 -20.24
C PHE A 6 11.76 -15.03 -21.12
N ARG A 7 12.08 -14.86 -22.38
CA ARG A 7 11.12 -14.24 -23.30
C ARG A 7 9.91 -15.13 -23.55
N ARG A 8 10.10 -16.45 -23.66
CA ARG A 8 9.00 -17.34 -23.85
C ARG A 8 8.07 -17.32 -22.63
N LEU A 9 8.68 -17.34 -21.45
CA LEU A 9 7.90 -17.40 -20.19
C LEU A 9 7.10 -16.12 -19.98
N PHE A 10 7.74 -14.97 -20.23
CA PHE A 10 7.01 -13.73 -20.30
C PHE A 10 5.88 -13.71 -21.33
N ALA A 11 6.16 -14.08 -22.58
CA ALA A 11 5.08 -14.13 -23.59
C ALA A 11 3.89 -14.97 -23.07
N GLN A 12 4.17 -16.16 -22.56
CA GLN A 12 3.13 -17.06 -22.05
C GLN A 12 2.34 -16.44 -20.90
N LEU A 13 3.04 -15.72 -20.04
CA LEU A 13 2.42 -15.16 -18.82
C LEU A 13 1.56 -13.92 -19.16
N ALA A 14 2.08 -13.10 -20.07
CA ALA A 14 1.44 -11.81 -20.44
C ALA A 14 0.19 -11.97 -21.32
N GLY A 15 0.16 -13.04 -22.10
CA GLY A 15 -0.90 -13.30 -23.08
C GLY A 15 -1.28 -12.15 -23.99
N ASP A 16 -2.58 -11.97 -24.18
CA ASP A 16 -3.07 -11.32 -25.43
C ASP A 16 -2.74 -9.87 -25.54
N ASP A 17 -2.60 -9.19 -24.39
CA ASP A 17 -2.22 -7.82 -24.44
C ASP A 17 -0.73 -7.59 -24.25
N MET A 18 0.04 -8.67 -24.14
CA MET A 18 1.49 -8.59 -24.08
C MET A 18 2.00 -7.76 -22.92
N GLU A 19 1.17 -7.67 -21.88
CA GLU A 19 1.60 -7.07 -20.66
C GLU A 19 1.07 -7.86 -19.47
N VAL A 20 1.76 -7.73 -18.34
CA VAL A 20 1.47 -8.53 -17.16
C VAL A 20 0.62 -7.69 -16.18
N SER A 21 -0.61 -8.11 -15.98
CA SER A 21 -1.52 -7.44 -15.02
C SER A 21 -1.22 -7.83 -13.62
N ALA A 22 -1.83 -7.13 -12.66
CA ALA A 22 -1.64 -7.49 -11.28
C ALA A 22 -2.13 -8.91 -11.02
N THR A 23 -3.20 -9.32 -11.70
CA THR A 23 -3.74 -10.68 -11.49
C THR A 23 -2.80 -11.71 -12.09
N GLU A 24 -2.34 -11.49 -13.31
CA GLU A 24 -1.31 -12.35 -13.88
C GLU A 24 -0.04 -12.48 -13.00
N LEU A 25 0.43 -11.35 -12.45
CA LEU A 25 1.60 -11.33 -11.58
C LEU A 25 1.31 -12.14 -10.30
N MET A 26 0.19 -11.86 -9.64
CA MET A 26 -0.21 -12.67 -8.49
C MET A 26 -0.15 -14.16 -8.73
N ASN A 27 -0.77 -14.61 -9.81
CA ASN A 27 -0.75 -16.01 -10.16
C ASN A 27 0.61 -16.60 -10.39
N ILE A 28 1.46 -15.92 -11.11
CA ILE A 28 2.78 -16.51 -11.34
C ILE A 28 3.62 -16.47 -10.02
N LEU A 29 3.48 -15.42 -9.21
CA LEU A 29 4.30 -15.39 -7.98
C LEU A 29 3.83 -16.48 -6.99
N ASN A 30 2.52 -16.69 -6.91
CA ASN A 30 1.99 -17.80 -6.10
C ASN A 30 2.38 -19.16 -6.63
N LYS A 31 2.45 -19.31 -7.95
CA LYS A 31 2.83 -20.60 -8.54
C LYS A 31 4.31 -20.88 -8.27
N VAL A 32 5.17 -19.88 -8.48
CA VAL A 32 6.60 -20.07 -8.24
C VAL A 32 6.95 -20.20 -6.75
N VAL A 33 6.31 -19.45 -5.87
CA VAL A 33 6.74 -19.48 -4.45
C VAL A 33 6.36 -20.86 -3.81
N THR A 34 5.30 -21.48 -4.31
CA THR A 34 4.86 -22.78 -3.82
C THR A 34 5.90 -23.85 -4.12
N ARG A 35 6.70 -23.66 -5.17
CA ARG A 35 7.82 -24.56 -5.45
C ARG A 35 9.04 -24.30 -4.60
N HIS A 36 9.03 -23.30 -3.71
CA HIS A 36 10.19 -22.99 -2.84
C HIS A 36 9.76 -22.88 -1.40
N PRO A 37 9.49 -24.02 -0.74
CA PRO A 37 8.88 -23.98 0.59
C PRO A 37 9.76 -23.34 1.67
N ASP A 38 11.06 -23.22 1.45
CA ASP A 38 11.91 -22.41 2.31
C ASP A 38 11.57 -20.90 2.32
N LEU A 39 10.72 -20.46 1.40
CA LEU A 39 10.30 -19.08 1.36
C LEU A 39 8.88 -19.10 1.94
N LYS A 40 8.77 -19.03 3.27
CA LYS A 40 7.46 -19.18 3.93
C LYS A 40 6.57 -17.99 3.63
N THR A 41 5.31 -18.23 3.25
CA THR A 41 4.39 -17.14 2.90
C THR A 41 2.93 -17.59 3.15
N ASP A 42 2.06 -16.63 3.46
CA ASP A 42 0.61 -16.76 3.47
C ASP A 42 0.06 -16.43 2.07
N GLY A 43 0.92 -16.23 1.07
CA GLY A 43 0.53 -15.99 -0.30
C GLY A 43 0.70 -14.55 -0.75
N PHE A 44 0.80 -14.34 -2.05
CA PHE A 44 0.75 -13.00 -2.56
C PHE A 44 -0.73 -12.63 -2.80
N GLY A 45 -1.21 -11.59 -2.14
CA GLY A 45 -2.59 -11.19 -2.35
C GLY A 45 -2.73 -10.13 -3.44
N ILE A 46 -3.93 -9.99 -3.98
CA ILE A 46 -4.15 -9.06 -5.10
C ILE A 46 -3.77 -7.64 -4.78
N ASP A 47 -4.05 -7.12 -3.55
CA ASP A 47 -3.68 -5.76 -3.20
C ASP A 47 -2.19 -5.51 -3.26
N THR A 48 -1.41 -6.48 -2.77
CA THR A 48 0.07 -6.38 -2.81
C THR A 48 0.60 -6.44 -4.24
N CYS A 49 0.00 -7.28 -5.06
CA CYS A 49 0.40 -7.30 -6.50
C CYS A 49 -0.01 -6.04 -7.29
N ARG A 50 -1.18 -5.45 -6.99
CA ARG A 50 -1.56 -4.13 -7.59
C ARG A 50 -0.60 -3.03 -7.26
N SER A 51 -0.11 -2.99 -6.01
N SER A 51 -0.22 -3.02 -6.00
CA SER A 51 0.94 -2.07 -5.62
CA SER A 51 0.76 -2.11 -5.49
C SER A 51 2.28 -2.26 -6.33
C SER A 51 2.16 -2.31 -6.08
N MET A 52 2.77 -3.51 -6.37
N MET A 52 2.57 -3.57 -6.29
CA MET A 52 3.94 -3.78 -7.14
CA MET A 52 3.82 -3.86 -7.00
C MET A 52 3.82 -3.34 -8.58
C MET A 52 3.82 -3.44 -8.50
N VAL A 53 2.75 -3.71 -9.23
CA VAL A 53 2.60 -3.32 -10.60
C VAL A 53 2.65 -1.78 -10.71
N ALA A 54 1.94 -1.10 -9.80
CA ALA A 54 1.80 0.36 -9.84
C ALA A 54 3.15 1.05 -9.75
N VAL A 55 3.97 0.60 -8.79
CA VAL A 55 5.25 1.17 -8.57
C VAL A 55 6.24 0.83 -9.69
N MET A 56 6.03 -0.27 -10.39
CA MET A 56 6.85 -0.63 -11.52
C MET A 56 6.34 -0.10 -12.92
N ASP A 57 5.14 0.45 -12.99
CA ASP A 57 4.47 0.82 -14.24
C ASP A 57 4.95 2.23 -14.64
N SER A 58 6.15 2.33 -15.15
CA SER A 58 6.68 3.66 -15.46
C SER A 58 6.12 4.31 -16.75
N ASP A 59 5.56 3.55 -17.70
CA ASP A 59 4.90 4.18 -18.87
C ASP A 59 3.39 4.29 -18.69
N THR A 60 2.93 4.13 -17.47
CA THR A 60 1.49 4.20 -17.14
C THR A 60 0.45 3.52 -18.03
N THR A 61 0.78 2.33 -18.48
CA THR A 61 -0.17 1.47 -19.14
C THR A 61 -1.07 0.71 -18.14
N GLY A 62 -0.75 0.76 -16.83
CA GLY A 62 -1.53 -0.03 -15.88
C GLY A 62 -1.12 -1.47 -15.71
N LYS A 63 -0.15 -1.92 -16.54
CA LYS A 63 0.35 -3.30 -16.49
C LYS A 63 1.84 -3.26 -16.86
N LEU A 64 2.52 -4.38 -16.62
CA LEU A 64 3.96 -4.42 -16.80
C LEU A 64 4.32 -4.97 -18.19
N GLY A 65 4.94 -4.11 -18.96
CA GLY A 65 5.47 -4.51 -20.22
C GLY A 65 6.72 -5.36 -20.02
N PHE A 66 7.26 -5.89 -21.12
CA PHE A 66 8.44 -6.75 -21.02
C PHE A 66 9.56 -6.18 -20.15
N GLU A 67 10.00 -4.95 -20.41
CA GLU A 67 11.19 -4.41 -19.68
C GLU A 67 10.87 -4.14 -18.23
N GLU A 68 9.65 -3.67 -17.98
CA GLU A 68 9.20 -3.40 -16.61
C GLU A 68 9.16 -4.71 -15.81
N PHE A 69 8.61 -5.74 -16.43
CA PHE A 69 8.56 -7.06 -15.83
C PHE A 69 9.92 -7.67 -15.55
N LYS A 70 10.80 -7.58 -16.53
CA LYS A 70 12.12 -8.15 -16.41
C LYS A 70 12.88 -7.51 -15.22
N TYR A 71 12.69 -6.22 -15.07
CA TYR A 71 13.38 -5.49 -14.08
C TYR A 71 12.87 -5.93 -12.71
N LEU A 72 11.56 -6.11 -12.57
CA LEU A 72 10.96 -6.54 -11.27
C LEU A 72 11.42 -7.99 -10.97
N TRP A 73 11.40 -8.81 -11.99
CA TRP A 73 11.72 -10.20 -11.87
C TRP A 73 13.17 -10.33 -11.47
N ASN A 74 14.08 -9.56 -12.10
CA ASN A 74 15.48 -9.71 -11.72
C ASN A 74 15.74 -9.27 -10.25
N ASN A 75 15.05 -8.24 -9.83
CA ASN A 75 15.18 -7.83 -8.41
C ASN A 75 14.66 -8.91 -7.46
N ILE A 76 13.48 -9.42 -7.75
CA ILE A 76 12.90 -10.53 -6.94
C ILE A 76 13.88 -11.71 -6.87
N LYS A 77 14.50 -12.06 -8.00
CA LYS A 77 15.43 -13.19 -8.01
C LYS A 77 16.66 -12.90 -7.12
N ARG A 78 17.22 -11.70 -7.18
CA ARG A 78 18.32 -11.33 -6.28
C ARG A 78 17.85 -11.34 -4.82
N TRP A 79 16.66 -10.80 -4.60
CA TRP A 79 16.17 -10.62 -3.25
C TRP A 79 15.78 -11.91 -2.58
N GLN A 80 15.18 -12.83 -3.33
CA GLN A 80 14.98 -14.18 -2.75
C GLN A 80 16.28 -14.85 -2.38
N ALA A 81 17.32 -14.71 -3.18
CA ALA A 81 18.61 -15.27 -2.81
C ALA A 81 19.15 -14.67 -1.50
N ILE A 82 19.01 -13.36 -1.30
CA ILE A 82 19.39 -12.70 -0.06
C ILE A 82 18.58 -13.18 1.15
N TYR A 83 17.29 -13.38 0.96
CA TYR A 83 16.40 -13.81 2.01
C TYR A 83 16.90 -15.18 2.50
N LYS A 84 17.20 -16.11 1.59
CA LYS A 84 17.64 -17.47 1.97
C LYS A 84 18.96 -17.40 2.71
N GLN A 85 19.88 -16.60 2.19
CA GLN A 85 21.17 -16.40 2.79
C GLN A 85 21.13 -15.80 4.17
N PHE A 86 20.21 -14.86 4.41
CA PHE A 86 20.23 -14.15 5.72
C PHE A 86 19.25 -14.75 6.70
N ASP A 87 18.54 -15.80 6.27
CA ASP A 87 17.66 -16.52 7.15
C ASP A 87 18.52 -17.61 7.87
N THR A 88 19.42 -17.18 8.75
CA THR A 88 20.40 -18.11 9.35
C THR A 88 19.87 -19.19 10.31
N ASP A 89 18.71 -18.99 10.92
CA ASP A 89 18.08 -20.11 11.67
C ASP A 89 17.21 -21.02 10.82
N ARG A 90 17.08 -20.72 9.52
CA ARG A 90 16.29 -21.56 8.60
C ARG A 90 14.83 -21.64 8.95
N SER A 91 14.27 -20.52 9.40
CA SER A 91 12.90 -20.52 9.85
C SER A 91 11.95 -20.32 8.67
N GLY A 92 12.52 -19.94 7.52
CA GLY A 92 11.72 -19.60 6.37
C GLY A 92 11.25 -18.17 6.41
N THR A 93 11.74 -17.40 7.38
CA THR A 93 11.28 -16.06 7.70
C THR A 93 12.45 -15.18 8.11
N ILE A 94 12.28 -13.88 8.03
CA ILE A 94 13.39 -12.98 8.34
C ILE A 94 13.06 -12.28 9.65
N CYS A 95 13.81 -12.63 10.69
CA CYS A 95 13.62 -12.01 12.02
C CYS A 95 14.25 -10.59 12.10
N SER A 96 13.89 -9.88 13.15
CA SER A 96 14.40 -8.52 13.35
C SER A 96 15.90 -8.41 13.32
N SER A 97 16.56 -9.43 13.89
CA SER A 97 18.03 -9.44 13.95
C SER A 97 18.68 -9.85 12.61
N GLU A 98 17.90 -10.48 11.72
CA GLU A 98 18.42 -10.90 10.43
C GLU A 98 18.19 -9.87 9.39
N LEU A 99 17.21 -9.02 9.64
CA LEU A 99 16.82 -8.05 8.68
C LEU A 99 17.93 -7.07 8.26
N PRO A 100 18.74 -6.57 9.21
CA PRO A 100 19.63 -5.50 8.65
C PRO A 100 20.72 -6.08 7.78
N GLY A 101 21.09 -7.34 7.98
CA GLY A 101 22.14 -7.91 7.14
C GLY A 101 21.57 -7.97 5.71
N ALA A 102 20.29 -8.31 5.65
CA ALA A 102 19.63 -8.55 4.40
C ALA A 102 19.46 -7.28 3.68
N PHE A 103 19.00 -6.25 4.40
CA PHE A 103 18.87 -4.95 3.76
C PHE A 103 20.23 -4.36 3.34
N GLU A 104 21.25 -4.55 4.16
CA GLU A 104 22.58 -4.12 3.79
C GLU A 104 23.05 -4.85 2.53
N ALA A 105 22.80 -6.15 2.45
CA ALA A 105 23.19 -6.91 1.25
C ALA A 105 22.36 -6.47 0.00
N ALA A 106 21.12 -6.00 0.18
CA ALA A 106 20.34 -5.38 -0.90
C ALA A 106 20.81 -3.94 -1.21
N GLY A 107 21.74 -3.39 -0.43
CA GLY A 107 22.29 -2.06 -0.69
C GLY A 107 21.62 -0.94 0.08
N PHE A 108 20.76 -1.26 1.07
CA PHE A 108 20.02 -0.19 1.77
C PHE A 108 20.50 0.03 3.21
N HIS A 109 20.79 1.30 3.57
CA HIS A 109 21.32 1.62 4.91
C HIS A 109 20.42 2.63 5.60
N LEU A 110 19.58 2.11 6.48
CA LEU A 110 18.52 2.86 7.04
C LEU A 110 18.86 3.02 8.50
N ASN A 111 18.41 4.10 9.07
CA ASN A 111 18.56 4.35 10.51
C ASN A 111 17.58 3.51 11.32
N GLU A 112 17.86 3.43 12.62
CA GLU A 112 17.08 2.54 13.51
C GLU A 112 15.62 2.89 13.52
N HIS A 113 15.32 4.17 13.42
CA HIS A 113 13.96 4.62 13.39
C HIS A 113 13.12 4.05 12.21
N LEU A 114 13.74 4.05 11.05
CA LEU A 114 13.11 3.51 9.89
C LEU A 114 12.98 2.02 9.95
N TYR A 115 13.96 1.30 10.49
CA TYR A 115 13.77 -0.11 10.77
C TYR A 115 12.60 -0.38 11.67
N ASN A 116 12.44 0.36 12.75
CA ASN A 116 11.35 0.12 13.62
C ASN A 116 10.03 0.22 12.87
N MET A 117 9.89 1.27 12.05
CA MET A 117 8.68 1.45 11.25
C MET A 117 8.44 0.31 10.27
N ILE A 118 9.45 -0.01 9.48
CA ILE A 118 9.34 -1.17 8.58
C ILE A 118 9.00 -2.49 9.30
N ILE A 119 9.53 -2.70 10.49
CA ILE A 119 9.23 -3.92 11.26
C ILE A 119 7.77 -3.94 11.73
N ARG A 120 7.30 -2.76 12.13
CA ARG A 120 5.92 -2.67 12.50
C ARG A 120 4.97 -2.86 11.33
N ARG A 121 5.32 -2.31 10.18
CA ARG A 121 4.45 -2.44 8.99
C ARG A 121 4.46 -3.85 8.39
N TYR A 122 5.61 -4.57 8.42
CA TYR A 122 5.80 -5.72 7.58
C TYR A 122 6.09 -7.02 8.33
N SER A 123 6.40 -6.97 9.62
CA SER A 123 6.74 -8.21 10.34
C SER A 123 5.69 -8.58 11.33
N ASP A 124 5.73 -9.84 11.79
CA ASP A 124 4.66 -10.26 12.73
C ASP A 124 4.91 -9.81 14.14
N GLU A 125 4.07 -10.27 15.08
CA GLU A 125 4.18 -9.83 16.46
C GLU A 125 5.46 -10.29 17.14
N SER A 126 6.11 -11.28 16.54
CA SER A 126 7.41 -11.79 17.02
C SER A 126 8.63 -11.13 16.34
N GLY A 127 8.36 -10.21 15.42
CA GLY A 127 9.39 -9.59 14.62
C GLY A 127 9.85 -10.40 13.44
N ASN A 128 9.09 -11.44 13.05
CA ASN A 128 9.45 -12.23 11.90
C ASN A 128 8.72 -11.77 10.67
N MET A 129 9.47 -11.57 9.56
CA MET A 129 8.87 -11.15 8.28
C MET A 129 8.87 -12.30 7.29
N ASP A 130 7.72 -12.61 6.68
CA ASP A 130 7.61 -13.73 5.70
C ASP A 130 7.90 -13.17 4.29
N PHE A 131 7.89 -14.06 3.30
CA PHE A 131 8.51 -13.76 2.01
C PHE A 131 7.81 -12.77 1.15
N ASP A 132 6.50 -12.91 1.03
CA ASP A 132 5.67 -11.93 0.29
C ASP A 132 5.80 -10.56 0.96
N ASN A 133 5.86 -10.49 2.31
CA ASN A 133 6.00 -9.19 2.94
C ASN A 133 7.42 -8.61 2.67
N PHE A 134 8.43 -9.47 2.69
CA PHE A 134 9.81 -9.04 2.43
C PHE A 134 9.96 -8.42 0.99
N ILE A 135 9.37 -9.10 0.00
CA ILE A 135 9.34 -8.65 -1.35
C ILE A 135 8.52 -7.41 -1.55
N SER A 136 7.35 -7.31 -0.91
CA SER A 136 6.52 -6.12 -1.02
C SER A 136 7.29 -4.95 -0.48
N CYS A 137 7.93 -5.15 0.68
CA CYS A 137 8.70 -4.08 1.27
C CYS A 137 9.83 -3.58 0.37
N LEU A 138 10.70 -4.50 -0.03
CA LEU A 138 11.82 -4.18 -0.94
C LEU A 138 11.43 -3.60 -2.29
N VAL A 139 10.37 -4.06 -2.95
CA VAL A 139 9.98 -3.45 -4.18
C VAL A 139 9.60 -1.97 -3.92
N ARG A 140 8.92 -1.73 -2.84
CA ARG A 140 8.50 -0.39 -2.52
C ARG A 140 9.66 0.48 -2.15
N LEU A 141 10.56 -0.05 -1.32
CA LEU A 141 11.69 0.76 -0.77
C LEU A 141 12.64 1.15 -1.92
N ASP A 142 12.93 0.19 -2.80
CA ASP A 142 13.69 0.47 -4.00
C ASP A 142 13.05 1.56 -4.86
N ALA A 143 11.76 1.40 -5.17
CA ALA A 143 10.99 2.37 -5.98
C ALA A 143 11.00 3.72 -5.34
N MET A 144 10.93 3.79 -4.01
CA MET A 144 10.91 5.09 -3.37
C MET A 144 12.28 5.76 -3.41
N PHE A 145 13.34 5.02 -3.18
CA PHE A 145 14.69 5.55 -3.38
C PHE A 145 14.89 6.05 -4.81
N ARG A 146 14.47 5.25 -5.78
CA ARG A 146 14.65 5.61 -7.18
C ARG A 146 13.86 6.83 -7.57
N ALA A 147 12.63 6.94 -7.08
CA ALA A 147 11.81 8.13 -7.29
C ALA A 147 12.49 9.40 -6.75
N PHE A 148 12.96 9.33 -5.51
CA PHE A 148 13.61 10.47 -4.88
C PHE A 148 14.87 10.84 -5.57
N LYS A 149 15.73 9.88 -5.82
CA LYS A 149 16.96 10.19 -6.54
C LYS A 149 16.78 10.79 -7.93
N SER A 150 15.80 10.32 -8.65
CA SER A 150 15.44 10.95 -9.94
C SER A 150 15.12 12.43 -9.89
N LEU A 151 14.52 12.84 -8.79
CA LEU A 151 14.15 14.22 -8.50
C LEU A 151 15.22 15.05 -7.75
N ASP A 152 16.34 14.42 -7.41
CA ASP A 152 17.41 15.07 -6.69
C ASP A 152 18.75 14.76 -7.33
N LYS A 153 18.91 15.07 -8.61
CA LYS A 153 20.11 14.59 -9.35
C LYS A 153 21.45 14.96 -8.68
N ASP A 154 21.45 16.20 -8.13
CA ASP A 154 22.56 16.85 -7.42
C ASP A 154 22.85 16.33 -5.98
N GLY A 155 22.03 15.42 -5.47
CA GLY A 155 22.21 14.91 -4.13
C GLY A 155 22.17 15.99 -3.07
N THR A 156 21.14 16.81 -3.09
CA THR A 156 20.97 17.79 -2.02
C THR A 156 20.36 17.10 -0.82
N GLY A 157 19.81 15.92 -1.05
CA GLY A 157 19.03 15.27 -0.02
C GLY A 157 17.63 15.82 0.19
N GLN A 158 17.15 16.63 -0.75
CA GLN A 158 15.83 17.26 -0.62
C GLN A 158 15.19 17.33 -1.98
N ILE A 159 13.84 17.24 -2.04
CA ILE A 159 13.06 17.55 -3.24
C ILE A 159 11.99 18.58 -2.87
N GLN A 160 11.56 19.31 -3.89
CA GLN A 160 10.51 20.32 -3.74
C GLN A 160 9.34 19.90 -4.62
N VAL A 161 8.13 19.84 -4.08
CA VAL A 161 6.99 19.36 -4.85
C VAL A 161 5.75 20.18 -4.54
N ASN A 162 4.84 20.24 -5.50
CA ASN A 162 3.49 20.73 -5.28
C ASN A 162 2.53 19.62 -5.01
N ILE A 163 1.29 19.96 -4.72
CA ILE A 163 0.32 18.91 -4.30
C ILE A 163 0.06 17.87 -5.37
N GLN A 164 -0.15 18.27 -6.62
CA GLN A 164 -0.25 17.36 -7.75
C GLN A 164 0.93 16.36 -7.81
N GLU A 165 2.14 16.91 -7.79
CA GLU A 165 3.36 16.10 -7.79
C GLU A 165 3.41 15.19 -6.60
N TRP A 166 3.10 15.72 -5.39
CA TRP A 166 3.15 14.90 -4.17
C TRP A 166 2.18 13.73 -4.33
N LEU A 167 0.96 14.01 -4.82
CA LEU A 167 -0.04 12.92 -4.95
C LEU A 167 0.36 11.89 -5.98
N GLN A 168 0.96 12.33 -7.08
CA GLN A 168 1.41 11.39 -8.08
C GLN A 168 2.48 10.51 -7.44
N LEU A 169 3.33 11.12 -6.59
CA LEU A 169 4.44 10.36 -6.00
C LEU A 169 4.08 9.33 -4.92
N THR A 170 3.01 9.55 -4.19
CA THR A 170 2.71 8.91 -2.97
C THR A 170 1.46 8.04 -3.05
N MET A 171 0.53 8.34 -3.95
CA MET A 171 -0.72 7.59 -4.00
C MET A 171 -0.55 6.18 -4.55
N TYR A 172 0.16 5.35 -3.73
CA TYR A 172 0.56 3.92 -4.00
C TYR A 172 0.15 3.07 -2.81
N SER A 173 -0.75 2.13 -3.04
CA SER A 173 -1.14 1.21 -1.98
C SER A 173 0.06 0.26 -1.71
N GLU B 1 -23.65 9.81 25.41
CA GLU B 1 -24.73 9.49 24.43
C GLU B 1 -24.15 8.66 23.26
N GLU B 2 -23.81 9.33 22.16
CA GLU B 2 -23.00 8.74 21.10
C GLU B 2 -21.53 8.62 21.61
N VAL B 3 -21.09 9.59 22.41
CA VAL B 3 -19.77 9.53 23.06
C VAL B 3 -19.58 8.25 23.92
N ARG B 4 -20.61 7.83 24.66
CA ARG B 4 -20.54 6.59 25.42
C ARG B 4 -20.63 5.28 24.59
N GLN B 5 -21.52 5.23 23.59
CA GLN B 5 -21.52 4.10 22.68
C GLN B 5 -20.14 4.00 22.01
N PHE B 6 -19.54 5.11 21.60
CA PHE B 6 -18.31 4.99 20.80
C PHE B 6 -17.14 4.50 21.68
N ARG B 7 -17.19 4.90 22.93
CA ARG B 7 -16.11 4.62 23.82
C ARG B 7 -16.16 3.13 24.11
N ARG B 8 -17.37 2.61 24.30
CA ARG B 8 -17.61 1.21 24.46
C ARG B 8 -17.14 0.42 23.25
N LEU B 9 -17.50 0.91 22.07
N LEU B 9 -17.48 0.88 22.05
CA LEU B 9 -17.07 0.25 20.82
CA LEU B 9 -17.06 0.17 20.83
C LEU B 9 -15.55 0.10 20.79
C LEU B 9 -15.52 0.08 20.76
N PHE B 10 -14.84 1.19 21.05
CA PHE B 10 -13.38 1.20 20.99
C PHE B 10 -12.77 0.28 22.03
N ALA B 11 -13.32 0.31 23.24
CA ALA B 11 -12.80 -0.51 24.32
C ALA B 11 -12.94 -1.93 23.94
N GLN B 12 -14.11 -2.32 23.44
CA GLN B 12 -14.33 -3.77 23.14
C GLN B 12 -13.49 -4.24 21.92
N LEU B 13 -13.41 -3.44 20.89
CA LEU B 13 -12.52 -3.70 19.70
C LEU B 13 -11.02 -3.76 20.08
N ALA B 14 -10.58 -2.77 20.83
CA ALA B 14 -9.17 -2.71 21.19
C ALA B 14 -8.75 -3.84 22.15
N GLY B 15 -9.60 -4.23 23.08
CA GLY B 15 -9.28 -5.43 23.89
C GLY B 15 -8.11 -5.21 24.82
N ASP B 16 -7.35 -6.29 25.06
CA ASP B 16 -6.39 -6.35 26.18
C ASP B 16 -5.23 -5.36 26.16
N ASP B 17 -4.77 -4.94 25.00
CA ASP B 17 -3.70 -3.96 24.95
C ASP B 17 -4.19 -2.51 24.75
N MET B 18 -5.51 -2.35 24.73
CA MET B 18 -6.17 -1.02 24.58
C MET B 18 -5.74 -0.24 23.34
N GLU B 19 -5.28 -0.96 22.31
CA GLU B 19 -5.13 -0.35 21.00
C GLU B 19 -5.66 -1.33 19.95
N VAL B 20 -6.04 -0.77 18.82
CA VAL B 20 -6.67 -1.50 17.69
C VAL B 20 -5.57 -1.90 16.71
N SER B 21 -5.32 -3.16 16.62
CA SER B 21 -4.34 -3.72 15.62
C SER B 21 -4.93 -3.76 14.26
N ALA B 22 -4.09 -3.96 13.24
CA ALA B 22 -4.59 -4.24 11.90
C ALA B 22 -5.62 -5.39 11.81
N THR B 23 -5.37 -6.47 12.54
CA THR B 23 -6.25 -7.59 12.55
C THR B 23 -7.62 -7.30 13.20
N GLU B 24 -7.59 -6.60 14.31
CA GLU B 24 -8.83 -6.12 14.93
C GLU B 24 -9.64 -5.23 14.02
N LEU B 25 -8.98 -4.28 13.38
CA LEU B 25 -9.64 -3.40 12.43
C LEU B 25 -10.21 -4.20 11.23
N MET B 26 -9.41 -5.12 10.71
CA MET B 26 -9.84 -5.96 9.60
C MET B 26 -11.11 -6.71 9.92
N ASN B 27 -11.13 -7.31 11.12
CA ASN B 27 -12.29 -8.16 11.54
C ASN B 27 -13.57 -7.25 11.74
N ILE B 28 -13.39 -6.10 12.33
CA ILE B 28 -14.57 -5.24 12.51
C ILE B 28 -15.11 -4.70 11.18
N LEU B 29 -14.24 -4.28 10.25
CA LEU B 29 -14.67 -3.71 9.00
C LEU B 29 -15.39 -4.81 8.15
N ASN B 30 -14.86 -6.00 8.16
CA ASN B 30 -15.53 -7.12 7.55
C ASN B 30 -16.88 -7.51 8.22
N LYS B 31 -16.94 -7.46 9.53
CA LYS B 31 -18.20 -7.66 10.24
C LYS B 31 -19.26 -6.68 9.82
N VAL B 32 -18.85 -5.41 9.75
CA VAL B 32 -19.82 -4.35 9.42
C VAL B 32 -20.24 -4.46 7.94
N VAL B 33 -19.31 -4.55 6.98
N VAL B 33 -19.28 -4.59 7.04
CA VAL B 33 -19.74 -4.48 5.57
CA VAL B 33 -19.57 -4.51 5.62
C VAL B 33 -20.58 -5.70 5.19
C VAL B 33 -20.50 -5.68 5.21
N THR B 34 -20.37 -6.80 5.91
CA THR B 34 -21.18 -8.01 5.73
C THR B 34 -22.67 -7.74 5.86
N ARG B 35 -23.01 -6.74 6.66
CA ARG B 35 -24.36 -6.29 6.81
C ARG B 35 -24.90 -5.30 5.85
N HIS B 36 -24.10 -4.83 4.87
CA HIS B 36 -24.54 -3.84 3.93
C HIS B 36 -24.42 -4.48 2.54
N PRO B 37 -25.48 -5.18 2.09
CA PRO B 37 -25.39 -5.87 0.78
C PRO B 37 -25.17 -4.92 -0.38
N ASP B 38 -25.41 -3.61 -0.18
CA ASP B 38 -25.21 -2.57 -1.19
C ASP B 38 -23.75 -2.16 -1.33
N LEU B 39 -22.88 -2.63 -0.46
CA LEU B 39 -21.47 -2.38 -0.61
C LEU B 39 -20.85 -3.67 -1.17
N LYS B 40 -20.37 -3.65 -2.39
CA LYS B 40 -19.74 -4.81 -2.95
C LYS B 40 -18.28 -4.81 -2.55
N THR B 41 -17.75 -5.96 -2.11
CA THR B 41 -16.30 -5.99 -1.71
C THR B 41 -15.86 -7.44 -1.69
N ASP B 42 -14.62 -7.68 -2.06
CA ASP B 42 -14.02 -9.01 -1.91
C ASP B 42 -13.45 -9.15 -0.45
N GLY B 43 -13.67 -8.15 0.41
CA GLY B 43 -13.20 -8.13 1.77
C GLY B 43 -12.11 -7.16 2.05
N PHE B 44 -12.01 -6.70 3.31
CA PHE B 44 -10.81 -6.05 3.80
C PHE B 44 -9.67 -7.08 4.07
N GLY B 45 -8.58 -6.97 3.31
CA GLY B 45 -7.46 -7.90 3.43
C GLY B 45 -6.51 -7.38 4.48
N ILE B 46 -5.67 -8.24 5.04
CA ILE B 46 -4.73 -7.84 6.10
C ILE B 46 -3.78 -6.79 5.63
N ASP B 47 -3.29 -6.92 4.40
N ASP B 47 -3.24 -6.89 4.42
CA ASP B 47 -2.24 -6.04 3.90
CA ASP B 47 -2.21 -5.90 4.08
C ASP B 47 -2.76 -4.58 3.81
C ASP B 47 -2.81 -4.51 3.93
N THR B 48 -3.95 -4.44 3.26
CA THR B 48 -4.67 -3.20 3.22
C THR B 48 -4.88 -2.59 4.62
N CYS B 49 -5.25 -3.44 5.58
CA CYS B 49 -5.51 -2.98 6.93
C CYS B 49 -4.19 -2.59 7.66
N ARG B 50 -3.08 -3.24 7.31
CA ARG B 50 -1.78 -2.85 7.94
C ARG B 50 -1.37 -1.48 7.37
N SER B 51 -1.68 -1.26 6.10
N SER B 51 -1.68 -1.23 6.10
CA SER B 51 -1.48 0.03 5.45
CA SER B 51 -1.43 0.10 5.54
C SER B 51 -2.30 1.14 6.06
C SER B 51 -2.29 1.14 6.19
N MET B 52 -3.59 0.86 6.36
CA MET B 52 -4.45 1.81 6.97
C MET B 52 -4.02 2.22 8.38
N VAL B 53 -3.58 1.22 9.15
CA VAL B 53 -3.12 1.39 10.53
C VAL B 53 -1.81 2.23 10.48
N ALA B 54 -0.85 1.87 9.63
CA ALA B 54 0.48 2.56 9.59
C ALA B 54 0.27 4.00 9.24
N VAL B 55 -0.62 4.28 8.32
CA VAL B 55 -0.78 5.64 7.83
C VAL B 55 -1.45 6.52 8.91
N MET B 56 -2.29 5.89 9.70
CA MET B 56 -3.01 6.55 10.81
C MET B 56 -2.22 6.58 12.14
N ASP B 57 -1.09 5.88 12.20
CA ASP B 57 -0.39 5.61 13.45
C ASP B 57 0.66 6.71 13.68
N SER B 58 0.18 7.90 13.96
N SER B 58 0.14 7.88 14.00
CA SER B 58 1.07 9.07 14.00
CA SER B 58 0.91 9.14 14.13
C SER B 58 1.99 9.10 15.23
C SER B 58 1.98 9.07 15.20
N ASP B 59 1.66 8.37 16.28
CA ASP B 59 2.63 8.20 17.39
C ASP B 59 3.58 6.95 17.31
N THR B 60 3.50 6.17 16.23
CA THR B 60 4.34 4.99 16.00
C THR B 60 4.25 3.94 17.12
N THR B 61 3.08 3.76 17.74
CA THR B 61 2.88 2.60 18.61
C THR B 61 2.71 1.27 17.91
N GLY B 62 2.47 1.27 16.60
CA GLY B 62 2.15 0.04 15.87
C GLY B 62 0.68 -0.22 15.68
N LYS B 63 -0.19 0.40 16.51
CA LYS B 63 -1.59 0.09 16.57
C LYS B 63 -2.32 1.45 16.77
N LEU B 64 -3.67 1.45 16.72
CA LEU B 64 -4.44 2.69 16.77
C LEU B 64 -4.98 2.95 18.19
N GLY B 65 -4.53 4.02 18.77
CA GLY B 65 -5.11 4.51 20.03
C GLY B 65 -6.49 5.15 19.83
N PHE B 66 -7.12 5.64 20.91
CA PHE B 66 -8.51 6.14 20.83
C PHE B 66 -8.71 7.22 19.79
N GLU B 67 -7.87 8.26 19.76
CA GLU B 67 -8.05 9.38 18.84
C GLU B 67 -7.76 8.97 17.41
N GLU B 68 -6.76 8.13 17.24
CA GLU B 68 -6.40 7.67 15.90
C GLU B 68 -7.55 6.85 15.32
N PHE B 69 -8.07 5.93 16.13
CA PHE B 69 -9.17 5.08 15.72
C PHE B 69 -10.43 5.94 15.49
N LYS B 70 -10.72 6.87 16.39
CA LYS B 70 -11.89 7.72 16.20
C LYS B 70 -11.85 8.47 14.88
N TYR B 71 -10.72 9.09 14.57
CA TYR B 71 -10.53 9.81 13.31
C TYR B 71 -10.84 8.92 12.11
N LEU B 72 -10.24 7.73 12.07
CA LEU B 72 -10.47 6.77 10.99
C LEU B 72 -11.91 6.30 10.89
N TRP B 73 -12.47 5.90 12.01
CA TRP B 73 -13.79 5.32 12.00
C TRP B 73 -14.79 6.34 11.56
N ASN B 74 -14.69 7.56 12.02
CA ASN B 74 -15.57 8.61 11.54
C ASN B 74 -15.46 9.02 10.10
N ASN B 75 -14.25 8.97 9.57
CA ASN B 75 -14.05 9.09 8.12
C ASN B 75 -14.77 7.97 7.35
N ILE B 76 -14.56 6.74 7.77
CA ILE B 76 -15.21 5.67 7.06
C ILE B 76 -16.70 5.80 7.13
N LYS B 77 -17.25 6.18 8.29
CA LYS B 77 -18.67 6.37 8.38
C LYS B 77 -19.18 7.44 7.40
N ARG B 78 -18.43 8.50 7.19
CA ARG B 78 -18.89 9.52 6.22
C ARG B 78 -18.68 9.00 4.82
N TRP B 79 -17.57 8.28 4.61
CA TRP B 79 -17.20 7.82 3.26
C TRP B 79 -18.12 6.73 2.77
N GLN B 80 -18.64 5.84 3.61
CA GLN B 80 -19.58 4.88 3.17
C GLN B 80 -20.90 5.49 2.73
N ALA B 81 -21.33 6.53 3.44
CA ALA B 81 -22.49 7.24 3.03
C ALA B 81 -22.31 7.83 1.61
N ILE B 82 -21.16 8.43 1.36
CA ILE B 82 -20.83 9.02 0.05
C ILE B 82 -20.83 7.97 -1.05
N TYR B 83 -20.15 6.83 -0.80
CA TYR B 83 -20.14 5.76 -1.75
C TYR B 83 -21.53 5.32 -2.17
N LYS B 84 -22.42 5.14 -1.20
CA LYS B 84 -23.77 4.70 -1.53
C LYS B 84 -24.53 5.77 -2.34
N GLN B 85 -24.28 7.02 -2.02
CA GLN B 85 -24.97 8.20 -2.62
C GLN B 85 -24.55 8.32 -4.08
N PHE B 86 -23.29 7.98 -4.36
CA PHE B 86 -22.70 8.14 -5.69
C PHE B 86 -22.70 6.89 -6.56
N ASP B 87 -23.08 5.75 -6.00
CA ASP B 87 -23.33 4.50 -6.73
C ASP B 87 -24.78 4.56 -7.31
N THR B 88 -24.91 5.48 -8.24
CA THR B 88 -26.19 5.89 -8.82
C THR B 88 -26.78 4.87 -9.74
N ASP B 89 -26.03 3.79 -10.06
CA ASP B 89 -26.65 2.63 -10.73
C ASP B 89 -26.83 1.41 -9.89
N ARG B 90 -26.53 1.48 -8.58
CA ARG B 90 -26.54 0.31 -7.68
C ARG B 90 -25.76 -0.92 -8.15
N SER B 91 -24.54 -0.68 -8.64
CA SER B 91 -23.65 -1.77 -8.98
C SER B 91 -22.98 -2.34 -7.73
N GLY B 92 -23.12 -1.60 -6.61
CA GLY B 92 -22.31 -1.83 -5.48
C GLY B 92 -20.85 -1.36 -5.55
N THR B 93 -20.49 -0.66 -6.63
CA THR B 93 -19.13 -0.21 -6.91
C THR B 93 -19.21 1.20 -7.45
N ILE B 94 -18.07 1.82 -7.46
CA ILE B 94 -17.91 3.17 -7.99
C ILE B 94 -17.11 3.03 -9.27
N CYS B 95 -17.78 3.37 -10.37
CA CYS B 95 -17.11 3.31 -11.70
C CYS B 95 -16.39 4.61 -11.98
N SER B 96 -15.64 4.66 -13.10
CA SER B 96 -14.91 5.84 -13.49
C SER B 96 -15.70 7.15 -13.52
N SER B 97 -16.97 7.09 -13.94
CA SER B 97 -17.77 8.34 -14.13
C SER B 97 -18.37 8.77 -12.80
N GLU B 98 -18.44 7.84 -11.86
CA GLU B 98 -19.00 8.12 -10.53
C GLU B 98 -17.93 8.67 -9.63
N LEU B 99 -16.65 8.36 -9.90
CA LEU B 99 -15.57 8.65 -8.97
C LEU B 99 -15.30 10.14 -8.60
N PRO B 100 -15.27 11.02 -9.58
CA PRO B 100 -15.00 12.42 -9.30
C PRO B 100 -16.02 13.02 -8.32
N GLY B 101 -17.30 12.78 -8.61
CA GLY B 101 -18.41 13.21 -7.74
C GLY B 101 -18.27 12.75 -6.32
N ALA B 102 -17.89 11.47 -6.15
CA ALA B 102 -17.68 10.88 -4.84
C ALA B 102 -16.53 11.49 -4.12
N PHE B 103 -15.39 11.64 -4.81
CA PHE B 103 -14.23 12.20 -4.14
C PHE B 103 -14.45 13.67 -3.86
N GLU B 104 -15.11 14.34 -4.78
CA GLU B 104 -15.40 15.75 -4.50
C GLU B 104 -16.31 15.95 -3.32
N ALA B 105 -17.25 15.04 -3.14
CA ALA B 105 -18.17 15.11 -2.01
C ALA B 105 -17.42 14.89 -0.73
N ALA B 106 -16.35 14.11 -0.77
CA ALA B 106 -15.50 13.92 0.38
C ALA B 106 -14.48 15.03 0.60
N GLY B 107 -14.52 16.08 -0.17
CA GLY B 107 -13.55 17.18 0.02
C GLY B 107 -12.31 17.11 -0.85
N PHE B 108 -12.21 16.16 -1.79
CA PHE B 108 -10.99 16.01 -2.61
C PHE B 108 -11.29 16.35 -4.05
N HIS B 109 -10.94 17.59 -4.42
CA HIS B 109 -11.17 18.06 -5.77
C HIS B 109 -9.90 17.82 -6.57
N LEU B 110 -9.82 16.71 -7.28
CA LEU B 110 -8.61 16.48 -8.03
C LEU B 110 -8.82 16.87 -9.48
N ASN B 111 -7.93 16.56 -10.38
CA ASN B 111 -8.13 16.88 -11.79
C ASN B 111 -8.17 15.58 -12.57
N GLU B 112 -8.46 15.65 -13.87
CA GLU B 112 -8.63 14.46 -14.69
C GLU B 112 -7.41 13.55 -14.57
N HIS B 113 -6.20 14.11 -14.70
CA HIS B 113 -4.97 13.29 -14.62
C HIS B 113 -4.85 12.45 -13.30
N LEU B 114 -5.11 13.10 -12.17
CA LEU B 114 -5.11 12.44 -10.90
C LEU B 114 -6.24 11.44 -10.78
N TYR B 115 -7.46 11.75 -11.21
CA TYR B 115 -8.53 10.75 -11.20
C TYR B 115 -8.13 9.54 -12.05
N ASN B 116 -7.57 9.76 -13.23
CA ASN B 116 -7.11 8.65 -14.04
C ASN B 116 -6.02 7.80 -13.38
N MET B 117 -5.11 8.43 -12.65
N MET B 117 -5.14 8.44 -12.62
CA MET B 117 -4.07 7.70 -11.93
CA MET B 117 -4.13 7.73 -11.83
C MET B 117 -4.63 6.83 -10.80
C MET B 117 -4.73 6.90 -10.68
N ILE B 118 -5.58 7.36 -10.07
N ILE B 118 -5.59 7.51 -9.87
CA ILE B 118 -6.20 6.62 -8.99
CA ILE B 118 -6.39 6.76 -8.90
C ILE B 118 -7.03 5.48 -9.50
C ILE B 118 -6.99 5.52 -9.52
N ILE B 119 -7.74 5.69 -10.62
CA ILE B 119 -8.51 4.60 -11.25
C ILE B 119 -7.51 3.54 -11.70
N ARG B 120 -6.41 3.99 -12.28
CA ARG B 120 -5.40 3.08 -12.72
C ARG B 120 -4.81 2.23 -11.56
N ARG B 121 -4.60 2.84 -10.39
N ARG B 121 -4.63 2.86 -10.40
CA ARG B 121 -3.94 2.18 -9.27
CA ARG B 121 -3.91 2.27 -9.28
C ARG B 121 -4.92 1.33 -8.42
C ARG B 121 -4.83 1.52 -8.30
N TYR B 122 -6.14 1.85 -8.29
CA TYR B 122 -7.12 1.30 -7.37
C TYR B 122 -8.33 0.53 -7.96
N SER B 123 -8.67 0.75 -9.23
CA SER B 123 -9.86 0.20 -9.78
C SER B 123 -9.53 -0.95 -10.66
N ASP B 124 -10.52 -1.76 -10.97
CA ASP B 124 -10.21 -3.00 -11.66
C ASP B 124 -10.10 -2.79 -13.16
N GLU B 125 -10.01 -3.89 -13.90
CA GLU B 125 -9.84 -3.81 -15.34
C GLU B 125 -10.99 -3.06 -16.06
N SER B 126 -12.21 -3.14 -15.53
CA SER B 126 -13.35 -2.37 -16.10
C SER B 126 -13.46 -0.95 -15.57
N GLY B 127 -12.53 -0.59 -14.70
CA GLY B 127 -12.49 0.76 -14.16
C GLY B 127 -13.44 0.89 -12.97
N ASN B 128 -13.82 -0.23 -12.36
CA ASN B 128 -14.68 -0.24 -11.14
C ASN B 128 -13.91 -0.44 -9.89
N MET B 129 -14.29 0.34 -8.88
CA MET B 129 -13.67 0.33 -7.60
C MET B 129 -14.67 -0.14 -6.54
N ASP B 130 -14.28 -1.22 -5.84
CA ASP B 130 -15.13 -1.77 -4.79
C ASP B 130 -14.89 -1.10 -3.46
N PHE B 131 -15.56 -1.56 -2.42
CA PHE B 131 -15.70 -0.71 -1.28
C PHE B 131 -14.43 -0.64 -0.43
N ASP B 132 -13.71 -1.76 -0.29
CA ASP B 132 -12.49 -1.74 0.47
C ASP B 132 -11.43 -0.98 -0.28
N ASN B 133 -11.41 -1.09 -1.62
CA ASN B 133 -10.42 -0.31 -2.38
C ASN B 133 -10.67 1.20 -2.26
N PHE B 134 -11.94 1.58 -2.31
CA PHE B 134 -12.38 2.97 -2.15
C PHE B 134 -11.96 3.60 -0.77
N ILE B 135 -12.22 2.89 0.31
CA ILE B 135 -11.82 3.27 1.66
C ILE B 135 -10.30 3.29 1.78
N SER B 136 -9.62 2.22 1.30
CA SER B 136 -8.18 2.19 1.33
C SER B 136 -7.54 3.45 0.64
N CYS B 137 -8.15 3.84 -0.48
CA CYS B 137 -7.67 4.96 -1.27
C CYS B 137 -7.88 6.27 -0.52
N LEU B 138 -9.09 6.45 0.01
CA LEU B 138 -9.41 7.65 0.70
C LEU B 138 -8.62 7.84 1.98
N VAL B 139 -8.37 6.80 2.78
CA VAL B 139 -7.52 6.93 3.92
C VAL B 139 -6.16 7.51 3.56
N ARG B 140 -5.57 6.97 2.50
CA ARG B 140 -4.25 7.43 2.14
C ARG B 140 -4.32 8.83 1.55
N LEU B 141 -5.26 9.06 0.69
CA LEU B 141 -5.42 10.39 0.09
C LEU B 141 -5.59 11.45 1.16
N ASP B 142 -6.54 11.22 2.06
CA ASP B 142 -6.68 12.09 3.19
C ASP B 142 -5.37 12.27 3.99
N ALA B 143 -4.65 11.17 4.26
CA ALA B 143 -3.38 11.28 4.96
C ALA B 143 -2.37 12.11 4.20
N MET B 144 -2.30 11.86 2.88
CA MET B 144 -1.28 12.56 2.03
C MET B 144 -1.53 14.04 1.90
N PHE B 145 -2.79 14.46 1.81
CA PHE B 145 -3.14 15.89 1.89
C PHE B 145 -2.70 16.45 3.25
N ARG B 146 -2.99 15.72 4.32
CA ARG B 146 -2.59 16.15 5.65
C ARG B 146 -1.10 16.26 5.82
N ALA B 147 -0.34 15.29 5.32
CA ALA B 147 1.08 15.41 5.34
C ALA B 147 1.60 16.63 4.60
N PHE B 148 1.01 16.88 3.44
CA PHE B 148 1.45 18.06 2.65
C PHE B 148 1.19 19.29 3.46
N LYS B 149 -0.03 19.38 4.01
CA LYS B 149 -0.40 20.52 4.75
C LYS B 149 0.58 20.77 5.90
N SER B 150 0.94 19.74 6.68
N SER B 150 0.94 19.71 6.66
CA SER B 150 1.93 19.93 7.78
CA SER B 150 1.93 19.84 7.77
C SER B 150 3.24 20.52 7.29
C SER B 150 3.28 20.41 7.33
N LEU B 151 3.70 20.10 6.12
CA LEU B 151 4.98 20.52 5.64
C LEU B 151 4.90 21.86 5.04
N ASP B 152 3.73 22.26 4.55
CA ASP B 152 3.57 23.61 3.94
C ASP B 152 3.27 24.71 4.96
N LYS B 153 4.26 24.99 5.82
CA LYS B 153 4.02 25.91 6.93
C LYS B 153 3.75 27.32 6.42
N ASP B 154 4.40 27.72 5.34
CA ASP B 154 4.22 29.07 4.86
C ASP B 154 3.11 29.25 3.83
N GLY B 155 2.42 28.17 3.47
CA GLY B 155 1.24 28.25 2.60
C GLY B 155 1.59 28.68 1.19
N THR B 156 2.73 28.16 0.72
CA THR B 156 3.21 28.51 -0.62
C THR B 156 2.70 27.46 -1.65
N GLY B 157 2.13 26.35 -1.22
CA GLY B 157 1.78 25.26 -2.12
C GLY B 157 2.97 24.45 -2.61
N GLN B 158 4.12 24.67 -2.04
CA GLN B 158 5.27 23.80 -2.34
C GLN B 158 5.84 23.36 -1.02
N ILE B 159 6.29 22.13 -0.96
CA ILE B 159 6.95 21.64 0.22
C ILE B 159 8.34 21.10 -0.17
N GLN B 160 9.24 21.19 0.79
CA GLN B 160 10.58 20.65 0.73
C GLN B 160 10.60 19.40 1.57
N VAL B 161 10.96 18.27 0.95
CA VAL B 161 10.88 16.97 1.60
C VAL B 161 12.31 16.38 1.61
N ASN B 162 12.88 16.19 2.80
N ASN B 162 12.89 16.19 2.79
CA ASN B 162 14.18 15.53 2.93
CA ASN B 162 14.21 15.55 2.86
C ASN B 162 14.07 14.03 2.71
C ASN B 162 14.09 14.05 2.77
N ILE B 163 15.19 13.37 2.44
CA ILE B 163 15.14 11.96 2.18
C ILE B 163 14.60 11.15 3.35
N GLN B 164 15.01 11.48 4.57
CA GLN B 164 14.46 10.78 5.78
C GLN B 164 12.95 10.84 5.89
N GLU B 165 12.36 12.03 5.75
CA GLU B 165 10.96 12.23 5.86
C GLU B 165 10.20 11.52 4.72
N TRP B 166 10.82 11.51 3.55
CA TRP B 166 10.29 10.83 2.41
C TRP B 166 10.15 9.38 2.67
N LEU B 167 11.21 8.76 3.20
CA LEU B 167 11.21 7.35 3.43
C LEU B 167 10.21 7.03 4.53
N GLN B 168 10.15 7.83 5.56
CA GLN B 168 9.14 7.53 6.65
C GLN B 168 7.72 7.62 6.13
N LEU B 169 7.46 8.68 5.37
CA LEU B 169 6.11 8.95 4.96
C LEU B 169 5.62 7.96 3.93
N THR B 170 6.52 7.47 3.08
CA THR B 170 6.10 6.49 2.09
C THR B 170 6.21 5.06 2.60
N MET B 171 7.22 4.74 3.42
CA MET B 171 7.38 3.35 3.89
C MET B 171 6.53 3.00 5.10
N TYR B 172 6.16 3.98 5.88
CA TYR B 172 5.28 3.67 7.01
C TYR B 172 3.89 4.15 6.59
N SER B 173 3.34 3.33 5.71
CA SER B 173 2.05 3.64 5.06
C SER B 173 1.58 2.36 4.42
CA CA C . -1.93 -9.73 -19.83
CA CA D . 3.54 -0.49 -18.06
CA CA E . 15.09 -16.62 10.17
CA CA F . 2.69 -12.25 4.14
OAM 3SU G . 10.29 -21.89 -10.31
OAM 3SU G . 11.89 -21.42 -9.67
CAL 3SU G . 11.51 -21.68 -10.40
CAL 3SU G . 13.09 -21.15 -9.93
OAN 3SU G . 12.31 -22.20 -9.59
OAN 3SU G . 14.01 -21.69 -9.25
CAJ 3SU G . 12.00 -20.80 -11.54
CAJ 3SU G . 13.40 -20.17 -11.08
SAP 3SU G . 13.78 -20.54 -11.76
SAP 3SU G . 15.24 -19.71 -11.62
CAI 3SU G . 10.89 -20.33 -12.51
CAI 3SU G . 12.18 -19.68 -11.87
CAH 3SU G . 11.11 -19.47 -13.51
CAH 3SU G . 12.29 -18.80 -12.86
CAE 3SU G . 10.14 -18.69 -13.99
CAE 3SU G . 11.25 -18.27 -13.50
CAD 3SU G . 8.86 -18.56 -13.67
CAD 3SU G . 9.92 -18.42 -13.38
CAC 3SU G . 8.07 -17.63 -14.33
CAC 3SU G . 9.05 -17.71 -14.21
CAB 3SU G . 8.61 -16.82 -15.33
CAB 3SU G . 9.59 -16.85 -15.16
BR 3SU G . 7.50 -15.50 -16.27
BR 3SU G . 8.49 -15.80 -16.35
CAG 3SU G . 9.96 -17.00 -15.61
CAG 3SU G . 10.98 -16.74 -15.23
CAF 3SU G . 10.69 -17.91 -14.92
CAF 3SU G . 11.78 -17.44 -14.42
NAA 3SU G . 11.99 -18.24 -15.01
NAA 3SU G . 13.12 -17.49 -14.31
CAK 3SU G . 12.26 -19.21 -14.12
CAK 3SU G . 13.44 -18.35 -13.34
OAM 3SU H . 15.58 -17.98 -12.67
OAM 3SU H . 16.96 -20.43 -8.44
CAL 3SU H . 14.92 -17.23 -11.91
CAL 3SU H . 15.98 -19.82 -7.97
OAN 3SU H . 14.76 -16.06 -12.23
OAN 3SU H . 15.52 -20.21 -6.89
CAJ 3SU H . 14.37 -17.74 -10.56
CAJ 3SU H . 15.35 -18.68 -8.82
SAP 3SU H . 14.55 -19.58 -10.09
SAP 3SU H . 16.07 -18.35 -10.29
CAI 3SU H . 13.70 -16.70 -9.61
CAI 3SU H . 14.18 -17.72 -8.44
CAH 3SU H . 13.14 -17.12 -8.47
CAH 3SU H . 13.36 -17.86 -7.40
CAE 3SU H . 11.97 -16.68 -7.98
CAE 3SU H . 12.20 -17.18 -7.27
CAD 3SU H . 11.10 -15.84 -8.51
CAD 3SU H . 11.63 -16.23 -8.02
CAC 3SU H . 9.93 -15.56 -7.86
CAC 3SU H . 10.39 -15.70 -7.64
CAB 3SU H . 9.64 -16.21 -6.66
CAB 3SU H . 9.79 -16.14 -6.47
BR 3SU H . 8.02 -15.84 -5.85
BR 3SU H . 8.12 -15.49 -5.88
CAG 3SU H . 10.57 -17.10 -6.16
CAG 3SU H . 10.45 -17.12 -5.74
CAF 3SU H . 11.71 -17.33 -6.84
CAF 3SU H . 11.62 -17.61 -6.15
NAA 3SU H . 12.77 -18.11 -6.60
NAA 3SU H . 12.41 -18.54 -5.62
CAK 3SU H . 13.66 -18.01 -7.61
CAK 3SU H . 13.49 -18.71 -6.39
CA CA I . -5.81 -4.79 20.65
CA CA J . -0.74 4.60 17.53
CA CA K . -21.88 2.24 -9.55
CA CA L . -11.32 -4.85 -3.08
OAM 3SU M . -22.23 5.96 14.06
OAM 3SU M . -22.34 6.92 14.79
CAL 3SU M . -21.65 4.84 14.19
CAL 3SU M . -21.88 5.89 15.32
OAN 3SU M . -20.61 4.74 14.92
OAN 3SU M . -21.06 5.99 16.25
CAJ 3SU M . -22.21 3.54 13.51
CAJ 3SU M . -22.32 4.52 14.84
SAP 3SU M . -23.86 3.42 12.20
SAP 3SU M . -23.49 4.45 13.47
CAI 3SU M . -21.32 2.30 13.76
CAI 3SU M . -21.72 3.29 15.53
CAH 3SU M . -21.68 1.09 13.36
CAH 3SU M . -22.01 2.04 15.20
CAE 3SU M . -21.22 -0.06 13.89
CAE 3SU M . -22.52 1.64 14.04
CAD 3SU M . -20.32 -0.37 14.84
CAD 3SU M . -22.86 2.34 12.96
CAC 3SU M . -20.05 -1.71 15.17
CAC 3SU M . -23.38 1.70 11.85
CAB 3SU M . -20.74 -2.66 14.48
CAB 3SU M . -23.52 0.33 11.90
BR 3SU M . -20.61 -4.42 14.66
BR 3SU M . -24.21 -0.54 10.44
CAG 3SU M . -21.65 -2.28 13.52
CAG 3SU M . -23.15 -0.36 13.06
CAF 3SU M . -21.89 -1.01 13.25
CAF 3SU M . -22.65 0.32 14.10
NAA 3SU M . -22.74 -0.47 12.37
NAA 3SU M . -22.22 -0.09 15.30
CAK 3SU M . -22.60 0.86 12.43
CAK 3SU M . -21.82 0.98 15.99
OAM 3SU N . -25.66 2.48 7.63
OAM 3SU N . -25.45 4.19 9.12
CAL 3SU N . -25.31 3.20 8.55
CAL 3SU N . -24.79 4.46 10.16
OAN 3SU N . -26.17 3.88 9.17
OAN 3SU N . -25.32 5.06 11.13
CAJ 3SU N . -23.85 3.23 9.00
CAJ 3SU N . -23.30 4.04 10.25
SAP 3SU N . -23.46 4.36 10.36
SAP 3SU N . -22.27 4.44 11.80
CAI 3SU N . -22.77 2.50 8.16
CAI 3SU N . -22.63 3.31 9.03
CAH 3SU N . -21.50 2.39 8.52
CAH 3SU N . -21.36 2.93 9.12
CAE 3SU N . -20.65 1.52 7.96
CAE 3SU N . -20.72 1.99 8.40
CAD 3SU N . -20.80 0.64 6.98
CAD 3SU N . -21.07 1.17 7.39
CAC 3SU N . -19.72 -0.17 6.54
CAC 3SU N . -20.12 0.30 6.84
CAB 3SU N . -18.51 -0.02 7.14
CAB 3SU N . -18.83 0.28 7.32
BR 3SU N . -17.02 -1.21 6.74
BR 3SU N . -17.46 -0.92 6.72
CAG 3SU N . -18.41 0.90 8.20
CAG 3SU N . -18.54 1.16 8.37
CAF 3SU N . -19.45 1.68 8.54
CAF 3SU N . -19.47 1.98 8.87
NAA 3SU N . -19.58 2.62 9.48
NAA 3SU N . -19.36 2.88 9.84
CAK 3SU N . -20.84 3.07 9.47
CAK 3SU N . -20.53 3.48 10.01
#